data_3LVK
#
_entry.id   3LVK
#
_cell.length_a   72.893
_cell.length_b   131.407
_cell.length_c   106.411
_cell.angle_alpha   90.000
_cell.angle_beta   90.000
_cell.angle_gamma   90.000
#
_symmetry.space_group_name_H-M   'C 2 2 21'
#
loop_
_entity.id
_entity.type
_entity.pdbx_description
1 polymer 'Cysteine desulfurase'
2 polymer 'Sulfurtransferase tusA'
3 non-polymer "PYRIDOXAL-5'-PHOSPHATE"
4 water water
#
loop_
_entity_poly.entity_id
_entity_poly.type
_entity_poly.pdbx_seq_one_letter_code
_entity_poly.pdbx_strand_id
1 'polypeptide(L)'
;MGSSHHHHHHGSMYGVYRAMKLPIYLDYSATTPVDPRVAEKMMQFMTMDGTFGNPASRSHRFGWQAEEAVDIARNQIADL
VGADPREIVFTSGATESDNLAIKGAANFYQKKGKHIITSKTEHKAVLDTCRQLEREGFEVTYLAPQRNGIIDLKELEAAM
RDDTILVSIMHVNNEIGVVQDIAAIGEMCRARGIIYHVDATQSVGKLPIDLSQLKVDLMSFSGHKIYGPKGIGALYVRRK
PRVRIEAQMHGGGHERGMRSGTLPVHQIVGMGEAYRIAKEEMATEMERLRGLRNRLWNGIKDIEEVYLNGDLEHGAPNIL
NVSFNYVEGESLIMALKDLAVSSGSACTSASLEPSYVLRALGLNDELAHSSIRFSLGRFTTEEEIDYTIELVRKSIGRLR
DLSPLWEMYKQGVDLNSIEWAHH
;
A
2 'polypeptide(L)'
;GSTDLFSSPDHTLDALGLRCPEPVMMVRKTVRNMQPGETLLIIADDPATTRDIPGFCTFMEHELVAKETDGLPYRYLIRK
GG
;
B
#
# COMPACT_ATOMS: atom_id res chain seq x y z
N MET A 20 -20.71 18.71 16.09
CA MET A 20 -19.35 18.46 15.66
C MET A 20 -18.39 18.38 16.86
N LYS A 21 -17.79 17.20 17.04
CA LYS A 21 -17.00 16.91 18.24
C LYS A 21 -15.53 17.30 18.14
N LEU A 22 -14.86 17.32 19.30
CA LEU A 22 -13.47 17.74 19.40
C LEU A 22 -12.71 16.79 20.30
N PRO A 23 -11.46 16.46 19.94
CA PRO A 23 -10.67 16.99 18.82
C PRO A 23 -11.30 16.73 17.45
N ILE A 24 -10.81 17.43 16.44
CA ILE A 24 -11.16 17.13 15.06
C ILE A 24 -10.00 16.33 14.44
N TYR A 25 -10.28 15.09 14.02
CA TYR A 25 -9.23 14.22 13.49
C TYR A 25 -8.76 14.69 12.11
N LEU A 26 -7.50 15.09 12.04
CA LEU A 26 -6.87 15.51 10.79
C LEU A 26 -5.56 14.78 10.61
N ASP A 27 -5.57 13.49 10.92
CA ASP A 27 -4.34 12.70 10.96
C ASP A 27 -4.56 11.36 10.24
N TYR A 28 -5.47 11.37 9.27
CA TYR A 28 -5.74 10.20 8.47
C TYR A 28 -4.49 9.54 7.92
N SER A 29 -3.37 10.26 7.92
CA SER A 29 -2.14 9.71 7.36
C SER A 29 -1.35 8.91 8.40
N ALA A 30 -1.61 9.20 9.67
CA ALA A 30 -1.10 8.37 10.75
C ALA A 30 -1.81 7.02 10.68
N THR A 31 -3.13 7.08 10.64
CA THR A 31 -3.98 5.90 10.54
C THR A 31 -5.39 6.40 10.31
N THR A 32 -6.23 5.54 9.75
CA THR A 32 -7.61 5.89 9.52
C THR A 32 -8.50 5.00 10.37
N PRO A 33 -9.77 5.37 10.55
CA PRO A 33 -10.73 4.51 11.24
C PRO A 33 -11.26 3.43 10.30
N VAL A 34 -11.61 2.26 10.82
CA VAL A 34 -12.12 1.17 9.97
C VAL A 34 -13.57 1.39 9.56
N ASP A 35 -13.81 1.28 8.25
CA ASP A 35 -15.16 1.43 7.70
C ASP A 35 -16.17 0.50 8.38
N PRO A 36 -17.36 1.02 8.72
CA PRO A 36 -18.39 0.16 9.29
C PRO A 36 -18.70 -1.03 8.37
N ARG A 37 -18.55 -0.82 7.07
CA ARG A 37 -18.75 -1.89 6.10
C ARG A 37 -17.60 -2.89 6.20
N VAL A 38 -16.39 -2.39 6.38
CA VAL A 38 -15.26 -3.30 6.53
C VAL A 38 -15.37 -4.12 7.80
N ALA A 39 -15.54 -3.43 8.93
CA ALA A 39 -15.60 -4.10 10.23
C ALA A 39 -16.68 -5.16 10.29
N GLU A 40 -17.77 -4.95 9.55
CA GLU A 40 -18.89 -5.87 9.59
C GLU A 40 -18.55 -7.20 8.90
N LYS A 41 -17.87 -7.12 7.77
CA LYS A 41 -17.36 -8.31 7.09
C LYS A 41 -16.43 -9.07 8.03
N MET A 42 -15.55 -8.33 8.69
CA MET A 42 -14.56 -8.94 9.58
C MET A 42 -15.20 -9.67 10.76
N MET A 43 -16.50 -9.50 10.95
CA MET A 43 -17.18 -10.17 12.05
C MET A 43 -17.61 -11.57 11.65
N GLN A 44 -17.78 -11.77 10.35
CA GLN A 44 -18.27 -13.02 9.82
C GLN A 44 -17.17 -14.08 9.80
N PHE A 45 -15.98 -13.71 10.27
CA PHE A 45 -14.83 -14.60 10.19
C PHE A 45 -14.08 -14.74 11.50
N MET A 46 -14.82 -14.81 12.61
CA MET A 46 -14.20 -14.79 13.94
C MET A 46 -14.60 -15.95 14.85
N THR A 47 -15.88 -16.00 15.20
CA THR A 47 -16.36 -16.88 16.28
C THR A 47 -16.81 -18.26 15.78
N MET A 48 -17.17 -19.14 16.72
CA MET A 48 -17.48 -20.53 16.37
C MET A 48 -18.48 -20.65 15.23
N ASP A 49 -19.41 -19.70 15.15
CA ASP A 49 -20.47 -19.78 14.15
C ASP A 49 -20.13 -19.02 12.86
N GLY A 50 -18.95 -18.42 12.82
CA GLY A 50 -18.46 -17.81 11.59
C GLY A 50 -17.49 -18.73 10.88
N THR A 51 -16.79 -18.18 9.89
CA THR A 51 -15.79 -18.93 9.16
C THR A 51 -14.43 -18.74 9.81
N PHE A 52 -14.24 -19.40 10.95
CA PHE A 52 -13.02 -19.24 11.76
C PHE A 52 -11.89 -20.19 11.37
N GLY A 53 -12.19 -21.17 10.52
CA GLY A 53 -11.24 -22.20 10.15
C GLY A 53 -9.93 -21.72 9.57
N ASN A 54 -8.91 -22.55 9.68
CA ASN A 54 -7.59 -22.24 9.15
C ASN A 54 -7.55 -22.61 7.66
N PRO A 55 -7.34 -21.61 6.80
CA PRO A 55 -7.34 -21.81 5.34
C PRO A 55 -6.18 -22.69 4.88
N ALA A 56 -5.42 -23.22 5.83
CA ALA A 56 -4.32 -24.12 5.51
C ALA A 56 -4.67 -25.57 5.83
N SER A 57 -5.83 -25.78 6.47
CA SER A 57 -6.34 -27.12 6.71
C SER A 57 -7.18 -27.56 5.52
N ARG A 58 -6.73 -28.55 4.75
CA ARG A 58 -7.55 -28.97 3.61
C ARG A 58 -8.21 -30.34 3.72
N SER A 59 -8.30 -30.87 4.94
CA SER A 59 -8.96 -32.16 5.13
C SER A 59 -10.42 -32.00 5.55
N HIS A 60 -10.85 -30.76 5.75
CA HIS A 60 -12.25 -30.50 6.08
C HIS A 60 -12.79 -29.18 5.50
N ARG A 61 -14.10 -29.01 5.60
CA ARG A 61 -14.80 -27.87 5.02
C ARG A 61 -14.36 -26.52 5.63
N PHE A 62 -14.11 -26.50 6.94
CA PHE A 62 -13.71 -25.27 7.61
C PHE A 62 -12.60 -24.54 6.86
N GLY A 63 -11.51 -25.27 6.61
CA GLY A 63 -10.36 -24.72 5.93
C GLY A 63 -10.66 -24.23 4.53
N TRP A 64 -11.32 -25.09 3.74
CA TRP A 64 -11.59 -24.77 2.33
C TRP A 64 -12.37 -23.48 2.09
N GLN A 65 -13.44 -23.26 2.85
CA GLN A 65 -14.23 -22.05 2.71
C GLN A 65 -13.49 -20.80 3.21
N ALA A 66 -12.66 -20.99 4.23
CA ALA A 66 -11.81 -19.91 4.70
C ALA A 66 -10.88 -19.51 3.58
N GLU A 67 -10.25 -20.49 2.95
CA GLU A 67 -9.34 -20.20 1.85
C GLU A 67 -10.06 -19.45 0.74
N GLU A 68 -11.35 -19.72 0.57
CA GLU A 68 -12.14 -19.00 -0.43
C GLU A 68 -12.25 -17.53 -0.07
N ALA A 69 -12.52 -17.25 1.20
CA ALA A 69 -12.62 -15.88 1.68
C ALA A 69 -11.33 -15.14 1.37
N VAL A 70 -10.20 -15.73 1.76
CA VAL A 70 -8.90 -15.20 1.40
C VAL A 70 -8.81 -14.87 -0.09
N ASP A 71 -9.22 -15.81 -0.93
CA ASP A 71 -9.08 -15.64 -2.37
C ASP A 71 -9.97 -14.54 -2.93
N ILE A 72 -11.15 -14.37 -2.35
CA ILE A 72 -12.04 -13.30 -2.78
C ILE A 72 -11.42 -11.94 -2.44
N ALA A 73 -10.72 -11.87 -1.32
CA ALA A 73 -10.10 -10.62 -0.90
C ALA A 73 -8.82 -10.35 -1.69
N ARG A 74 -8.07 -11.40 -1.96
CA ARG A 74 -6.81 -11.28 -2.69
C ARG A 74 -7.10 -10.68 -4.06
N ASN A 75 -8.25 -11.05 -4.63
CA ASN A 75 -8.65 -10.51 -5.93
C ASN A 75 -9.10 -9.06 -5.84
N GLN A 76 -9.99 -8.78 -4.90
CA GLN A 76 -10.41 -7.43 -4.60
C GLN A 76 -9.20 -6.49 -4.56
N ILE A 77 -8.16 -6.91 -3.86
CA ILE A 77 -6.94 -6.12 -3.80
C ILE A 77 -6.32 -5.96 -5.17
N ALA A 78 -6.08 -7.08 -5.84
CA ALA A 78 -5.47 -7.10 -7.16
C ALA A 78 -6.15 -6.13 -8.14
N ASP A 79 -7.47 -6.07 -8.11
CA ASP A 79 -8.20 -5.28 -9.09
C ASP A 79 -8.03 -3.78 -8.91
N LEU A 80 -7.70 -3.36 -7.71
CA LEU A 80 -7.46 -1.94 -7.46
C LEU A 80 -6.24 -1.48 -8.23
N VAL A 81 -5.19 -2.31 -8.23
CA VAL A 81 -3.88 -1.90 -8.74
C VAL A 81 -3.49 -2.60 -10.05
N GLY A 82 -4.47 -3.15 -10.74
CA GLY A 82 -4.22 -3.78 -12.03
C GLY A 82 -3.30 -4.99 -12.01
N ALA A 83 -3.19 -5.65 -10.86
CA ALA A 83 -2.33 -6.81 -10.74
C ALA A 83 -3.10 -8.12 -10.98
N ASP A 84 -2.38 -9.22 -10.95
CA ASP A 84 -3.03 -10.53 -10.92
C ASP A 84 -2.97 -11.00 -9.47
N PRO A 85 -4.03 -11.66 -9.00
CA PRO A 85 -4.07 -12.18 -7.63
C PRO A 85 -2.84 -13.02 -7.28
N ARG A 86 -2.28 -13.71 -8.27
CA ARG A 86 -1.09 -14.52 -8.03
C ARG A 86 0.15 -13.65 -7.80
N GLU A 87 0.00 -12.34 -7.95
CA GLU A 87 1.09 -11.39 -7.71
C GLU A 87 1.00 -10.74 -6.33
N ILE A 88 -0.07 -11.03 -5.59
CA ILE A 88 -0.29 -10.41 -4.29
C ILE A 88 0.15 -11.32 -3.14
N VAL A 89 1.06 -10.82 -2.31
CA VAL A 89 1.58 -11.55 -1.15
C VAL A 89 1.09 -10.94 0.17
N PHE A 90 0.50 -11.74 1.04
CA PHE A 90 0.00 -11.20 2.31
C PHE A 90 1.10 -11.00 3.36
N THR A 91 1.05 -9.83 4.00
CA THR A 91 2.00 -9.44 5.04
C THR A 91 1.23 -8.92 6.24
N SER A 92 1.97 -8.56 7.28
CA SER A 92 1.37 -8.04 8.50
C SER A 92 1.25 -6.54 8.47
N GLY A 93 1.73 -5.92 7.40
CA GLY A 93 1.65 -4.47 7.30
C GLY A 93 2.58 -3.91 6.24
N ALA A 94 2.40 -2.63 5.92
CA ALA A 94 3.31 -1.96 5.00
C ALA A 94 4.78 -2.04 5.47
N THR A 95 5.02 -1.94 6.77
CA THR A 95 6.38 -2.08 7.25
C THR A 95 6.96 -3.41 6.77
N GLU A 96 6.22 -4.50 6.94
CA GLU A 96 6.77 -5.80 6.51
C GLU A 96 6.99 -5.84 4.99
N SER A 97 6.02 -5.36 4.22
CA SER A 97 6.16 -5.34 2.76
C SER A 97 7.45 -4.67 2.33
N ASP A 98 7.78 -3.54 2.96
CA ASP A 98 9.01 -2.80 2.65
C ASP A 98 10.29 -3.56 3.00
N ASN A 99 10.31 -4.19 4.18
CA ASN A 99 11.40 -5.11 4.54
C ASN A 99 11.50 -6.27 3.56
N LEU A 100 10.37 -6.95 3.35
CA LEU A 100 10.31 -8.11 2.45
C LEU A 100 10.86 -7.69 1.10
N ALA A 101 10.23 -6.66 0.50
CA ALA A 101 10.53 -6.23 -0.86
C ALA A 101 12.01 -5.92 -1.00
N ILE A 102 12.52 -5.11 -0.09
CA ILE A 102 13.87 -4.59 -0.25
C ILE A 102 14.98 -5.57 0.08
N LYS A 103 14.89 -6.24 1.24
CA LYS A 103 15.86 -7.26 1.61
C LYS A 103 15.64 -8.51 0.76
N GLY A 104 14.39 -8.82 0.47
CA GLY A 104 14.12 -9.94 -0.41
C GLY A 104 14.74 -9.79 -1.80
N ALA A 105 14.56 -8.63 -2.42
CA ALA A 105 15.09 -8.40 -3.76
C ALA A 105 16.61 -8.27 -3.73
N ALA A 106 17.11 -7.50 -2.76
CA ALA A 106 18.54 -7.26 -2.63
C ALA A 106 19.32 -8.57 -2.45
N ASN A 107 18.75 -9.48 -1.67
CA ASN A 107 19.43 -10.72 -1.39
C ASN A 107 19.37 -11.65 -2.59
N PHE A 108 18.24 -11.64 -3.29
CA PHE A 108 18.07 -12.54 -4.42
C PHE A 108 18.99 -12.18 -5.58
N TYR A 109 19.19 -10.88 -5.79
CA TYR A 109 19.91 -10.38 -6.96
C TYR A 109 21.35 -9.96 -6.67
N GLN A 110 21.81 -10.22 -5.45
CA GLN A 110 23.12 -9.76 -4.99
C GLN A 110 24.29 -10.16 -5.90
N LYS A 111 24.09 -11.19 -6.73
CA LYS A 111 25.15 -11.60 -7.64
C LYS A 111 25.30 -10.66 -8.84
N LYS A 112 24.28 -9.85 -9.10
CA LYS A 112 24.33 -8.86 -10.16
C LYS A 112 25.02 -7.57 -9.69
N GLY A 113 25.19 -7.45 -8.38
CA GLY A 113 25.77 -6.26 -7.78
C GLY A 113 25.20 -6.01 -6.39
N LYS A 114 25.79 -5.08 -5.64
CA LYS A 114 25.34 -4.81 -4.27
C LYS A 114 24.91 -3.37 -4.02
N HIS A 115 24.68 -2.61 -5.08
CA HIS A 115 24.33 -1.19 -4.94
C HIS A 115 22.82 -0.94 -4.96
N ILE A 116 22.32 -0.12 -4.05
CA ILE A 116 20.90 0.21 -3.99
C ILE A 116 20.76 1.72 -3.92
N ILE A 117 19.64 2.23 -4.45
CA ILE A 117 19.37 3.66 -4.41
C ILE A 117 17.98 3.93 -3.85
N THR A 118 17.86 4.92 -2.97
CA THR A 118 16.55 5.33 -2.48
C THR A 118 16.53 6.82 -2.18
N SER A 119 15.41 7.33 -1.67
CA SER A 119 15.31 8.77 -1.39
C SER A 119 15.37 9.08 0.11
N LYS A 120 16.04 10.18 0.43
CA LYS A 120 16.31 10.55 1.81
C LYS A 120 15.04 10.91 2.58
N THR A 121 13.90 10.96 1.88
CA THR A 121 12.59 11.28 2.49
C THR A 121 11.60 10.11 2.54
N GLU A 122 12.10 8.91 2.26
CA GLU A 122 11.26 7.72 2.33
C GLU A 122 10.83 7.44 3.78
N HIS A 123 9.73 6.70 3.93
CA HIS A 123 9.28 6.27 5.26
C HIS A 123 10.36 5.47 5.97
N LYS A 124 10.31 5.42 7.30
CA LYS A 124 11.34 4.70 8.06
C LYS A 124 11.49 3.21 7.68
N ALA A 125 10.40 2.54 7.32
CA ALA A 125 10.48 1.13 6.94
C ALA A 125 11.50 0.93 5.83
N VAL A 126 11.46 1.80 4.82
CA VAL A 126 12.45 1.77 3.73
C VAL A 126 13.86 2.22 4.20
N LEU A 127 13.91 3.32 4.95
CA LEU A 127 15.20 3.84 5.39
C LEU A 127 15.92 2.91 6.36
N ASP A 128 15.23 2.50 7.41
CA ASP A 128 15.83 1.59 8.38
C ASP A 128 16.24 0.25 7.76
N THR A 129 15.49 -0.20 6.75
CA THR A 129 15.78 -1.46 6.05
C THR A 129 17.07 -1.36 5.23
N CYS A 130 17.20 -0.28 4.49
CA CYS A 130 18.42 0.02 3.77
C CYS A 130 19.64 0.13 4.69
N ARG A 131 19.46 0.72 5.87
CA ARG A 131 20.58 0.89 6.77
C ARG A 131 21.07 -0.45 7.30
N GLN A 132 20.15 -1.36 7.56
CA GLN A 132 20.51 -2.72 7.89
C GLN A 132 21.25 -3.41 6.75
N LEU A 133 20.84 -3.14 5.51
CA LEU A 133 21.50 -3.80 4.39
C LEU A 133 22.92 -3.25 4.25
N GLU A 134 23.11 -1.99 4.61
CA GLU A 134 24.45 -1.41 4.61
C GLU A 134 25.34 -2.16 5.62
N ARG A 135 24.78 -2.65 6.71
CA ARG A 135 25.55 -3.49 7.62
C ARG A 135 25.94 -4.81 6.95
N GLU A 136 25.04 -5.33 6.13
CA GLU A 136 25.24 -6.63 5.49
C GLU A 136 26.19 -6.62 4.29
N GLY A 137 26.59 -5.43 3.84
CA GLY A 137 27.57 -5.30 2.80
C GLY A 137 27.05 -4.61 1.55
N PHE A 138 25.82 -4.12 1.62
CA PHE A 138 25.23 -3.41 0.51
C PHE A 138 25.59 -1.93 0.56
N GLU A 139 25.65 -1.30 -0.61
CA GLU A 139 25.95 0.11 -0.70
C GLU A 139 24.65 0.83 -1.05
N VAL A 140 24.31 1.86 -0.31
CA VAL A 140 23.05 2.54 -0.52
C VAL A 140 23.28 4.04 -0.72
N THR A 141 22.80 4.56 -1.86
CA THR A 141 22.79 5.99 -2.10
C THR A 141 21.44 6.56 -1.68
N TYR A 142 21.46 7.56 -0.80
CA TYR A 142 20.24 8.26 -0.37
C TYR A 142 20.18 9.61 -1.06
N LEU A 143 19.32 9.75 -2.06
CA LEU A 143 19.24 10.99 -2.80
C LEU A 143 18.47 12.09 -2.06
N ALA A 144 19.05 13.28 -2.04
CA ALA A 144 18.34 14.44 -1.48
C ALA A 144 17.27 14.86 -2.47
N PRO A 145 16.11 15.27 -1.94
CA PRO A 145 15.03 15.75 -2.80
C PRO A 145 15.26 17.24 -3.14
N GLN A 146 14.51 17.74 -4.10
CA GLN A 146 14.54 19.18 -4.32
C GLN A 146 13.64 19.82 -3.25
N ARG A 147 13.55 21.15 -3.25
CA ARG A 147 12.81 21.90 -2.25
C ARG A 147 11.32 21.56 -2.23
N ASN A 148 10.81 21.13 -3.38
CA ASN A 148 9.41 20.77 -3.51
C ASN A 148 9.18 19.30 -3.19
N GLY A 149 10.26 18.55 -3.06
CA GLY A 149 10.17 17.17 -2.60
C GLY A 149 10.44 16.18 -3.71
N ILE A 150 10.25 16.60 -4.97
CA ILE A 150 10.47 15.74 -6.13
C ILE A 150 11.95 15.37 -6.30
N ILE A 151 12.21 14.13 -6.70
CA ILE A 151 13.57 13.71 -7.01
C ILE A 151 14.01 14.16 -8.41
N ASP A 152 15.25 14.61 -8.52
CA ASP A 152 15.83 14.96 -9.81
C ASP A 152 16.19 13.68 -10.55
N LEU A 153 15.46 13.42 -11.63
CA LEU A 153 15.59 12.16 -12.35
C LEU A 153 16.97 11.98 -12.94
N LYS A 154 17.60 13.09 -13.30
CA LYS A 154 18.96 13.05 -13.85
C LYS A 154 19.99 12.82 -12.74
N GLU A 155 19.66 13.22 -11.51
CA GLU A 155 20.52 12.89 -10.39
C GLU A 155 20.34 11.41 -10.06
N LEU A 156 19.13 10.92 -10.27
CA LEU A 156 18.83 9.49 -10.10
C LEU A 156 19.61 8.67 -11.12
N GLU A 157 19.67 9.19 -12.35
CA GLU A 157 20.39 8.55 -13.46
C GLU A 157 21.91 8.54 -13.24
N ALA A 158 22.43 9.64 -12.69
CA ALA A 158 23.86 9.74 -12.39
C ALA A 158 24.27 8.77 -11.27
N ALA A 159 23.29 8.30 -10.50
CA ALA A 159 23.60 7.38 -9.42
C ALA A 159 23.60 5.94 -9.92
N MET A 160 22.74 5.65 -10.88
CA MET A 160 22.62 4.29 -11.40
C MET A 160 23.95 3.80 -11.97
N ARG A 161 24.31 2.56 -11.65
CA ARG A 161 25.58 2.00 -12.07
C ARG A 161 25.41 0.64 -12.74
N ASP A 162 26.51 0.00 -13.11
CA ASP A 162 26.45 -1.36 -13.62
C ASP A 162 25.92 -2.26 -12.52
N ASP A 163 26.50 -2.10 -11.33
CA ASP A 163 26.21 -2.97 -10.20
C ASP A 163 25.04 -2.51 -9.32
N THR A 164 24.21 -1.60 -9.83
CA THR A 164 22.98 -1.23 -9.13
C THR A 164 21.95 -2.30 -9.38
N ILE A 165 21.25 -2.74 -8.34
CA ILE A 165 20.26 -3.80 -8.52
C ILE A 165 18.84 -3.43 -8.12
N LEU A 166 18.66 -2.27 -7.48
CA LEU A 166 17.37 -1.95 -6.86
C LEU A 166 17.22 -0.48 -6.51
N VAL A 167 16.00 0.02 -6.75
CA VAL A 167 15.66 1.41 -6.50
C VAL A 167 14.35 1.37 -5.75
N SER A 168 14.29 2.11 -4.66
CA SER A 168 13.03 2.23 -3.95
C SER A 168 12.70 3.68 -3.80
N ILE A 169 11.65 4.11 -4.48
CA ILE A 169 11.17 5.46 -4.38
C ILE A 169 9.64 5.43 -4.29
N MET A 170 9.10 6.07 -3.26
CA MET A 170 7.69 5.95 -2.93
C MET A 170 6.79 6.74 -3.86
N HIS A 171 5.54 6.29 -3.99
CA HIS A 171 4.59 6.98 -4.83
C HIS A 171 4.14 8.30 -4.22
N VAL A 172 3.50 8.25 -3.05
CA VAL A 172 3.11 9.46 -2.35
C VAL A 172 3.75 9.54 -0.95
N ASN A 173 4.42 10.66 -0.67
CA ASN A 173 5.07 10.88 0.62
C ASN A 173 4.03 11.14 1.72
N ASN A 174 4.26 10.61 2.91
CA ASN A 174 3.24 10.60 3.95
C ASN A 174 3.29 11.81 4.86
N GLU A 175 4.37 12.59 4.76
CA GLU A 175 4.53 13.81 5.54
C GLU A 175 4.09 15.04 4.74
N ILE A 176 4.60 15.17 3.53
CA ILE A 176 4.29 16.34 2.70
C ILE A 176 3.33 16.10 1.53
N GLY A 177 3.05 14.83 1.22
CA GLY A 177 2.04 14.49 0.23
C GLY A 177 2.48 14.47 -1.23
N VAL A 178 3.75 14.74 -1.45
CA VAL A 178 4.32 14.92 -2.77
C VAL A 178 4.35 13.61 -3.55
N VAL A 179 3.99 13.67 -4.83
CA VAL A 179 3.88 12.50 -5.70
C VAL A 179 5.09 12.39 -6.61
N GLN A 180 5.72 11.23 -6.65
CA GLN A 180 6.82 11.03 -7.60
C GLN A 180 6.33 10.47 -8.93
N ASP A 181 7.20 10.55 -9.94
CA ASP A 181 6.90 10.09 -11.29
C ASP A 181 7.28 8.62 -11.40
N ILE A 182 6.55 7.77 -10.68
CA ILE A 182 6.91 6.35 -10.58
C ILE A 182 6.89 5.66 -11.95
N ALA A 183 6.08 6.18 -12.86
CA ALA A 183 6.05 5.68 -14.22
C ALA A 183 7.42 5.84 -14.89
N ALA A 184 7.97 7.05 -14.82
CA ALA A 184 9.22 7.35 -15.50
C ALA A 184 10.39 6.66 -14.82
N ILE A 185 10.32 6.57 -13.49
CA ILE A 185 11.37 5.91 -12.73
C ILE A 185 11.35 4.44 -13.09
N GLY A 186 10.14 3.90 -13.21
CA GLY A 186 9.97 2.53 -13.64
C GLY A 186 10.59 2.27 -15.00
N GLU A 187 10.42 3.21 -15.94
CA GLU A 187 11.02 3.06 -17.26
C GLU A 187 12.53 3.07 -17.19
N MET A 188 13.10 3.95 -16.37
CA MET A 188 14.56 4.03 -16.25
C MET A 188 15.08 2.73 -15.67
N CYS A 189 14.36 2.18 -14.70
CA CYS A 189 14.77 0.92 -14.10
C CYS A 189 14.76 -0.22 -15.10
N ARG A 190 13.60 -0.50 -15.68
CA ARG A 190 13.46 -1.61 -16.63
C ARG A 190 14.52 -1.60 -17.74
N ALA A 191 14.78 -0.44 -18.32
CA ALA A 191 15.70 -0.31 -19.46
C ALA A 191 17.10 -0.76 -19.09
N ARG A 192 17.38 -0.81 -17.79
CA ARG A 192 18.69 -1.19 -17.27
C ARG A 192 18.67 -2.49 -16.46
N GLY A 193 17.52 -3.13 -16.35
CA GLY A 193 17.42 -4.39 -15.61
C GLY A 193 17.46 -4.23 -14.10
N ILE A 194 17.23 -3.01 -13.64
CA ILE A 194 17.19 -2.69 -12.22
C ILE A 194 15.78 -2.90 -11.64
N ILE A 195 15.69 -3.58 -10.50
CA ILE A 195 14.42 -3.79 -9.81
C ILE A 195 13.90 -2.48 -9.21
N TYR A 196 12.66 -2.15 -9.50
CA TYR A 196 12.06 -0.94 -8.93
C TYR A 196 11.01 -1.28 -7.89
N HIS A 197 11.27 -0.88 -6.66
CA HIS A 197 10.26 -1.01 -5.61
C HIS A 197 9.60 0.31 -5.32
N VAL A 198 8.28 0.26 -5.13
CA VAL A 198 7.48 1.47 -4.86
C VAL A 198 6.67 1.34 -3.58
N ASP A 199 6.86 2.26 -2.65
CA ASP A 199 6.02 2.28 -1.47
C ASP A 199 4.74 3.05 -1.75
N ALA A 200 3.63 2.35 -1.86
CA ALA A 200 2.38 2.96 -2.29
C ALA A 200 1.34 3.03 -1.18
N THR A 201 1.82 2.94 0.06
CA THR A 201 0.95 2.99 1.23
C THR A 201 0.02 4.20 1.20
N GLN A 202 0.61 5.36 0.91
CA GLN A 202 -0.13 6.61 0.88
C GLN A 202 -0.94 6.81 -0.40
N SER A 203 -0.48 6.23 -1.50
CA SER A 203 -1.13 6.46 -2.79
C SER A 203 -2.23 5.48 -3.12
N VAL A 204 -2.13 4.26 -2.60
CA VAL A 204 -3.12 3.23 -2.93
C VAL A 204 -4.53 3.70 -2.57
N GLY A 205 -5.44 3.60 -3.55
CA GLY A 205 -6.80 4.06 -3.36
C GLY A 205 -6.95 5.57 -3.30
N LYS A 206 -5.91 6.28 -3.72
CA LYS A 206 -5.95 7.74 -3.74
C LYS A 206 -5.62 8.25 -5.14
N LEU A 207 -4.45 7.88 -5.64
CA LEU A 207 -4.11 8.08 -7.04
C LEU A 207 -4.33 6.77 -7.77
N PRO A 208 -4.62 6.83 -9.09
CA PRO A 208 -4.76 5.62 -9.90
C PRO A 208 -3.47 4.83 -10.00
N ILE A 209 -3.60 3.51 -10.11
CA ILE A 209 -2.45 2.61 -10.16
C ILE A 209 -2.86 1.44 -11.04
N ASP A 210 -2.05 1.15 -12.04
CA ASP A 210 -2.30 0.04 -12.96
C ASP A 210 -0.97 -0.59 -13.33
N LEU A 211 -0.62 -1.68 -12.65
CA LEU A 211 0.66 -2.35 -12.83
C LEU A 211 0.76 -3.08 -14.17
N SER A 212 -0.37 -3.28 -14.84
CA SER A 212 -0.35 -3.88 -16.17
C SER A 212 0.35 -2.92 -17.11
N GLN A 213 0.38 -1.64 -16.75
CA GLN A 213 1.00 -0.61 -17.56
C GLN A 213 2.31 -0.09 -16.96
N LEU A 214 2.32 0.07 -15.64
CA LEU A 214 3.45 0.60 -14.90
C LEU A 214 4.62 -0.39 -14.86
N LYS A 215 5.84 0.12 -15.00
CA LYS A 215 7.03 -0.72 -14.87
C LYS A 215 7.61 -0.76 -13.44
N VAL A 216 6.72 -1.05 -12.48
CA VAL A 216 7.07 -1.35 -11.11
C VAL A 216 7.18 -2.87 -10.94
N ASP A 217 8.19 -3.32 -10.20
CA ASP A 217 8.39 -4.75 -10.00
C ASP A 217 7.85 -5.18 -8.64
N LEU A 218 8.08 -4.37 -7.63
CA LEU A 218 7.57 -4.61 -6.29
C LEU A 218 6.80 -3.38 -5.82
N MET A 219 5.66 -3.58 -5.20
CA MET A 219 4.92 -2.46 -4.64
C MET A 219 4.28 -2.83 -3.31
N SER A 220 4.51 -1.99 -2.30
CA SER A 220 4.00 -2.18 -0.95
C SER A 220 2.69 -1.43 -0.75
N PHE A 221 1.80 -2.03 0.04
CA PHE A 221 0.66 -1.30 0.59
C PHE A 221 0.07 -1.99 1.81
N SER A 222 -0.77 -1.25 2.52
CA SER A 222 -1.27 -1.62 3.82
C SER A 222 -2.77 -1.49 3.74
N GLY A 223 -3.44 -1.59 4.89
CA GLY A 223 -4.88 -1.44 4.90
C GLY A 223 -5.33 -0.26 5.73
N HIS A 224 -4.63 0.02 6.82
CA HIS A 224 -5.17 0.99 7.75
C HIS A 224 -5.04 2.45 7.28
N LYS A 225 -4.44 2.69 6.12
CA LYS A 225 -4.43 4.05 5.55
C LYS A 225 -5.58 4.20 4.57
N ILE A 226 -6.37 3.14 4.39
CA ILE A 226 -7.54 3.24 3.52
C ILE A 226 -8.81 2.69 4.17
N TYR A 227 -8.92 2.88 5.49
CA TYR A 227 -10.13 2.49 6.22
C TYR A 227 -10.27 0.97 6.34
N GLY A 228 -9.14 0.27 6.26
CA GLY A 228 -9.05 -1.13 6.63
C GLY A 228 -8.32 -1.23 7.96
N PRO A 229 -8.23 -2.44 8.54
CA PRO A 229 -7.64 -2.65 9.87
C PRO A 229 -6.12 -2.58 9.90
N LYS A 230 -5.57 -2.17 11.05
CA LYS A 230 -4.14 -2.22 11.27
C LYS A 230 -3.71 -3.67 11.39
N GLY A 231 -2.45 -3.95 11.06
CA GLY A 231 -1.92 -5.29 11.26
C GLY A 231 -2.05 -6.21 10.07
N ILE A 232 -2.44 -5.65 8.93
CA ILE A 232 -2.50 -6.39 7.67
C ILE A 232 -2.03 -5.49 6.54
N GLY A 233 -1.47 -6.09 5.49
CA GLY A 233 -1.05 -5.34 4.32
C GLY A 233 -0.52 -6.34 3.33
N ALA A 234 -0.09 -5.88 2.16
CA ALA A 234 0.35 -6.83 1.14
C ALA A 234 1.57 -6.34 0.41
N LEU A 235 2.08 -7.21 -0.47
CA LEU A 235 3.19 -6.84 -1.31
C LEU A 235 2.95 -7.35 -2.74
N TYR A 236 2.89 -6.43 -3.69
CA TYR A 236 2.88 -6.80 -5.11
C TYR A 236 4.24 -7.31 -5.55
N VAL A 237 4.24 -8.45 -6.24
CA VAL A 237 5.46 -9.01 -6.84
C VAL A 237 5.19 -9.39 -8.31
N ARG A 238 5.85 -8.68 -9.21
CA ARG A 238 5.60 -8.83 -10.63
C ARG A 238 5.80 -10.24 -11.15
N ARG A 239 4.76 -10.76 -11.81
CA ARG A 239 4.79 -12.08 -12.42
C ARG A 239 5.47 -12.05 -13.80
N LYS A 240 5.35 -10.92 -14.50
CA LYS A 240 5.80 -10.82 -15.89
C LYS A 240 6.19 -9.38 -16.27
N PRO A 241 7.46 -9.17 -16.60
CA PRO A 241 8.48 -10.23 -16.50
C PRO A 241 8.75 -10.61 -15.05
N ARG A 242 9.09 -11.88 -14.86
CA ARG A 242 9.28 -12.45 -13.54
C ARG A 242 10.27 -11.71 -12.65
N VAL A 243 9.79 -11.23 -11.51
CA VAL A 243 10.65 -10.78 -10.42
C VAL A 243 10.67 -11.81 -9.27
N ARG A 244 11.82 -11.98 -8.62
CA ARG A 244 11.88 -12.92 -7.50
C ARG A 244 12.47 -12.27 -6.25
N ILE A 245 12.11 -12.83 -5.09
CA ILE A 245 12.66 -12.39 -3.82
C ILE A 245 12.90 -13.59 -2.90
N GLU A 246 13.86 -13.42 -1.99
CA GLU A 246 14.02 -14.37 -0.91
C GLU A 246 13.02 -14.05 0.19
N ALA A 247 12.32 -15.08 0.65
CA ALA A 247 11.46 -14.97 1.82
C ALA A 247 12.25 -14.51 3.05
N GLN A 248 11.57 -13.81 3.95
CA GLN A 248 12.18 -13.31 5.17
C GLN A 248 11.52 -14.02 6.35
N MET A 249 10.37 -14.62 6.07
CA MET A 249 9.50 -15.24 7.06
C MET A 249 9.36 -16.72 6.70
N HIS A 250 10.05 -17.56 7.44
CA HIS A 250 10.11 -19.01 7.15
C HIS A 250 9.18 -19.85 8.04
N GLY A 251 8.79 -21.01 7.52
CA GLY A 251 7.95 -21.94 8.27
C GLY A 251 6.80 -22.53 7.47
N GLY A 252 7.11 -23.36 6.48
CA GLY A 252 6.10 -24.04 5.70
C GLY A 252 5.91 -23.52 4.28
N GLY A 253 6.37 -22.31 4.00
CA GLY A 253 6.37 -21.79 2.64
C GLY A 253 5.03 -21.34 2.06
N HIS A 254 4.20 -20.67 2.86
CA HIS A 254 2.94 -20.15 2.37
C HIS A 254 3.13 -18.94 1.45
N GLU A 255 2.03 -18.47 0.87
CA GLU A 255 2.09 -17.41 -0.14
C GLU A 255 3.15 -17.73 -1.18
N ARG A 256 3.05 -18.92 -1.76
CA ARG A 256 3.94 -19.34 -2.83
C ARG A 256 5.42 -19.21 -2.44
N GLY A 257 5.72 -19.60 -1.20
CA GLY A 257 7.08 -19.60 -0.68
C GLY A 257 7.64 -18.25 -0.24
N MET A 258 6.82 -17.22 -0.19
CA MET A 258 7.40 -15.89 0.01
C MET A 258 7.06 -15.27 1.36
N ARG A 259 6.07 -15.84 2.04
CA ARG A 259 5.69 -15.35 3.35
C ARG A 259 4.95 -16.44 4.14
N SER A 260 5.71 -17.21 4.90
CA SER A 260 5.15 -18.26 5.73
C SER A 260 4.34 -17.73 6.91
N GLY A 261 3.44 -18.57 7.44
CA GLY A 261 2.64 -18.22 8.60
C GLY A 261 1.16 -18.40 8.34
N THR A 262 0.38 -18.67 9.37
CA THR A 262 -1.05 -18.78 9.18
C THR A 262 -1.57 -17.48 8.59
N LEU A 263 -2.42 -17.58 7.59
CA LEU A 263 -3.08 -16.41 7.05
C LEU A 263 -4.16 -16.00 8.03
N PRO A 264 -4.23 -14.68 8.35
CA PRO A 264 -5.26 -14.13 9.23
C PRO A 264 -6.52 -13.74 8.44
N VAL A 265 -7.45 -14.67 8.31
CA VAL A 265 -8.61 -14.50 7.42
C VAL A 265 -9.40 -13.20 7.62
N HIS A 266 -9.93 -12.96 8.81
CA HIS A 266 -10.72 -11.76 9.06
C HIS A 266 -9.93 -10.50 8.65
N GLN A 267 -8.71 -10.36 9.18
CA GLN A 267 -7.82 -9.29 8.77
C GLN A 267 -7.78 -9.19 7.25
N ILE A 268 -7.55 -10.34 6.60
CA ILE A 268 -7.46 -10.38 5.15
C ILE A 268 -8.77 -9.96 4.49
N VAL A 269 -9.90 -10.43 5.00
CA VAL A 269 -11.20 -10.04 4.47
C VAL A 269 -11.43 -8.53 4.61
N GLY A 270 -11.16 -7.98 5.79
CA GLY A 270 -11.34 -6.57 6.02
C GLY A 270 -10.52 -5.75 5.04
N MET A 271 -9.31 -6.20 4.77
CA MET A 271 -8.46 -5.45 3.85
C MET A 271 -9.05 -5.45 2.44
N GLY A 272 -9.38 -6.64 1.92
CA GLY A 272 -9.93 -6.74 0.59
C GLY A 272 -11.23 -5.98 0.35
N GLU A 273 -12.07 -5.92 1.38
CA GLU A 273 -13.32 -5.19 1.27
C GLU A 273 -13.01 -3.69 1.17
N ALA A 274 -12.02 -3.27 1.96
CA ALA A 274 -11.58 -1.88 1.97
C ALA A 274 -11.01 -1.46 0.63
N TYR A 275 -10.36 -2.40 -0.05
CA TYR A 275 -9.78 -2.14 -1.37
C TYR A 275 -10.83 -2.12 -2.46
N ARG A 276 -11.92 -2.82 -2.23
CA ARG A 276 -13.00 -2.84 -3.20
C ARG A 276 -13.82 -1.57 -3.09
N ILE A 277 -14.09 -1.13 -1.88
CA ILE A 277 -14.81 0.12 -1.69
C ILE A 277 -13.98 1.25 -2.29
N ALA A 278 -12.67 1.16 -2.09
CA ALA A 278 -11.73 2.15 -2.60
C ALA A 278 -11.79 2.27 -4.12
N LYS A 279 -11.91 1.14 -4.82
CA LYS A 279 -12.03 1.17 -6.28
C LYS A 279 -13.26 1.96 -6.67
N GLU A 280 -14.38 1.61 -6.05
CA GLU A 280 -15.62 2.33 -6.28
C GLU A 280 -15.47 3.82 -5.99
N GLU A 281 -15.39 4.15 -4.70
CA GLU A 281 -15.56 5.51 -4.23
C GLU A 281 -14.39 6.46 -4.53
N MET A 282 -13.26 5.90 -4.98
CA MET A 282 -12.04 6.67 -5.19
C MET A 282 -12.24 8.01 -5.90
N ALA A 283 -12.63 7.96 -7.17
CA ALA A 283 -12.79 9.16 -7.99
C ALA A 283 -13.57 10.25 -7.26
N THR A 284 -14.82 9.94 -6.91
CA THR A 284 -15.67 10.87 -6.17
C THR A 284 -14.93 11.45 -4.97
N GLU A 285 -14.30 10.59 -4.18
CA GLU A 285 -13.73 10.98 -2.90
C GLU A 285 -12.50 11.87 -3.01
N MET A 286 -11.63 11.59 -3.97
CA MET A 286 -10.38 12.33 -4.12
C MET A 286 -10.58 13.69 -4.80
N GLU A 287 -11.74 13.86 -5.44
CA GLU A 287 -12.10 15.13 -6.01
C GLU A 287 -12.71 16.00 -4.92
N ARG A 288 -13.35 15.34 -3.96
CA ARG A 288 -13.94 16.04 -2.82
C ARG A 288 -12.85 16.48 -1.84
N LEU A 289 -11.93 15.58 -1.53
CA LEU A 289 -10.82 15.92 -0.65
C LEU A 289 -9.93 16.98 -1.28
N ARG A 290 -9.66 16.82 -2.56
CA ARG A 290 -8.81 17.75 -3.27
C ARG A 290 -9.39 19.16 -3.21
N GLY A 291 -10.71 19.23 -3.08
CA GLY A 291 -11.40 20.50 -2.92
C GLY A 291 -11.33 21.04 -1.49
N LEU A 292 -11.48 20.16 -0.50
CA LEU A 292 -11.34 20.54 0.90
C LEU A 292 -9.91 20.96 1.21
N ARG A 293 -8.95 20.25 0.62
CA ARG A 293 -7.55 20.61 0.73
C ARG A 293 -7.37 22.05 0.26
N ASN A 294 -7.98 22.39 -0.88
CA ASN A 294 -7.84 23.72 -1.45
C ASN A 294 -8.64 24.76 -0.68
N ARG A 295 -9.74 24.34 -0.06
CA ARG A 295 -10.49 25.21 0.84
C ARG A 295 -9.60 25.60 2.03
N LEU A 296 -8.83 24.65 2.51
CA LEU A 296 -8.04 24.82 3.72
C LEU A 296 -6.86 25.75 3.50
N TRP A 297 -6.10 25.51 2.44
CA TRP A 297 -4.91 26.30 2.15
C TRP A 297 -5.27 27.74 1.77
N ASN A 298 -6.48 27.94 1.26
CA ASN A 298 -6.90 29.28 0.87
C ASN A 298 -7.32 30.12 2.07
N GLY A 299 -7.89 29.48 3.08
CA GLY A 299 -8.30 30.18 4.29
C GLY A 299 -7.14 30.45 5.23
N ILE A 300 -5.94 30.05 4.82
CA ILE A 300 -4.77 30.25 5.67
C ILE A 300 -3.54 30.74 4.90
N LYS A 301 -3.58 30.61 3.58
CA LYS A 301 -2.51 31.08 2.72
C LYS A 301 -2.30 32.60 2.81
N ASP A 302 -3.29 33.31 3.36
CA ASP A 302 -3.23 34.77 3.46
C ASP A 302 -2.53 35.25 4.72
N ILE A 303 -2.37 34.35 5.68
CA ILE A 303 -1.60 34.66 6.88
C ILE A 303 -0.16 34.99 6.48
N GLU A 304 0.46 35.89 7.24
CA GLU A 304 1.75 36.47 6.86
C GLU A 304 2.83 35.44 6.56
N GLU A 305 3.35 34.79 7.60
CA GLU A 305 4.55 33.99 7.40
C GLU A 305 4.28 32.49 7.34
N VAL A 306 3.46 32.07 6.38
CA VAL A 306 3.13 30.66 6.20
C VAL A 306 3.62 30.15 4.85
N TYR A 307 4.27 28.99 4.89
CA TYR A 307 4.84 28.38 3.70
C TYR A 307 4.22 27.04 3.43
N LEU A 308 4.10 26.67 2.16
CA LEU A 308 3.61 25.35 1.79
C LEU A 308 4.75 24.40 1.49
N ASN A 309 4.80 23.30 2.23
CA ASN A 309 5.76 22.24 2.00
C ASN A 309 5.17 21.18 1.05
N GLY A 310 5.82 20.97 -0.10
CA GLY A 310 5.33 20.05 -1.12
C GLY A 310 4.84 20.75 -2.38
N ASP A 311 3.78 20.21 -2.97
CA ASP A 311 3.24 20.73 -4.23
C ASP A 311 1.72 20.86 -4.17
N LEU A 312 1.21 22.01 -4.61
CA LEU A 312 -0.23 22.24 -4.58
C LEU A 312 -0.94 21.57 -5.77
N GLU A 313 -0.29 21.57 -6.93
CA GLU A 313 -0.89 21.01 -8.12
C GLU A 313 -0.74 19.50 -8.12
N HIS A 314 0.50 19.05 -7.95
CA HIS A 314 0.86 17.66 -8.12
C HIS A 314 1.22 17.01 -6.79
N GLY A 315 0.30 17.10 -5.86
CA GLY A 315 0.45 16.48 -4.56
C GLY A 315 -0.84 15.77 -4.21
N ALA A 316 -0.74 14.79 -3.32
CA ALA A 316 -1.92 14.05 -2.88
C ALA A 316 -3.03 15.02 -2.55
N PRO A 317 -4.28 14.62 -2.82
CA PRO A 317 -5.41 15.51 -2.57
C PRO A 317 -5.70 15.70 -1.09
N ASN A 318 -5.14 14.85 -0.24
CA ASN A 318 -5.56 14.76 1.15
C ASN A 318 -4.50 15.18 2.17
N ILE A 319 -3.30 15.53 1.69
CA ILE A 319 -2.26 15.97 2.59
C ILE A 319 -1.88 17.43 2.31
N LEU A 320 -1.71 18.19 3.38
CA LEU A 320 -1.32 19.59 3.34
C LEU A 320 -0.38 19.87 4.51
N ASN A 321 0.89 20.14 4.21
CA ASN A 321 1.88 20.39 5.24
C ASN A 321 2.35 21.83 5.20
N VAL A 322 1.98 22.63 6.19
CA VAL A 322 2.35 24.03 6.15
C VAL A 322 3.23 24.48 7.31
N SER A 323 4.10 25.45 7.03
CA SER A 323 5.05 25.97 8.00
C SER A 323 4.64 27.37 8.45
N PHE A 324 4.65 27.58 9.76
CA PHE A 324 4.36 28.89 10.34
C PHE A 324 5.63 29.48 10.93
N ASN A 325 6.09 30.57 10.35
CA ASN A 325 7.38 31.15 10.68
C ASN A 325 7.27 32.09 11.87
N TYR A 326 8.35 32.24 12.62
CA TYR A 326 8.39 33.18 13.75
C TYR A 326 7.37 32.87 14.83
N VAL A 327 7.14 31.58 15.06
CA VAL A 327 6.36 31.11 16.19
C VAL A 327 7.08 29.94 16.82
N GLU A 328 7.17 29.97 18.15
CA GLU A 328 7.81 28.88 18.87
C GLU A 328 6.94 27.63 18.78
N GLY A 329 7.49 26.61 18.13
CA GLY A 329 6.71 25.44 17.72
C GLY A 329 6.20 24.53 18.82
N GLU A 330 6.95 24.45 19.92
CA GLU A 330 6.55 23.63 21.05
C GLU A 330 5.09 23.90 21.43
N SER A 331 4.71 25.18 21.36
CA SER A 331 3.41 25.61 21.86
C SER A 331 2.36 25.65 20.76
N LEU A 332 2.80 25.61 19.51
CA LEU A 332 1.88 25.57 18.39
C LEU A 332 0.86 24.46 18.57
N ILE A 333 1.33 23.24 18.81
CA ILE A 333 0.44 22.10 18.98
C ILE A 333 -0.44 22.24 20.22
N MET A 334 0.13 22.74 21.31
CA MET A 334 -0.64 23.00 22.52
C MET A 334 -1.70 24.06 22.26
N ALA A 335 -1.55 24.78 21.15
CA ALA A 335 -2.47 25.86 20.80
C ALA A 335 -3.59 25.31 19.95
N LEU A 336 -3.31 24.25 19.20
CA LEU A 336 -4.31 23.66 18.33
C LEU A 336 -4.79 22.35 18.94
N LYS A 337 -4.96 22.33 20.25
CA LYS A 337 -5.39 21.12 20.91
C LYS A 337 -6.77 20.68 20.42
N ASP A 338 -7.49 21.59 19.78
CA ASP A 338 -8.79 21.30 19.20
C ASP A 338 -8.66 20.46 17.94
N LEU A 339 -7.42 20.33 17.46
CA LEU A 339 -7.16 19.54 16.27
C LEU A 339 -6.28 18.34 16.59
N ALA A 340 -6.52 17.24 15.87
CA ALA A 340 -5.64 16.08 15.97
C ALA A 340 -4.81 16.03 14.69
N VAL A 341 -3.55 16.42 14.81
CA VAL A 341 -2.64 16.44 13.68
C VAL A 341 -1.29 15.94 14.18
N SER A 342 -0.24 16.18 13.42
CA SER A 342 1.10 15.86 13.89
C SER A 342 2.10 16.81 13.26
N SER A 343 3.23 16.97 13.93
CA SER A 343 4.31 17.80 13.41
C SER A 343 5.32 16.92 12.68
N GLY A 344 5.33 15.63 13.04
CA GLY A 344 6.24 14.68 12.42
C GLY A 344 7.55 14.59 13.16
N SER A 345 7.54 15.00 14.42
CA SER A 345 8.73 14.96 15.24
C SER A 345 8.81 13.65 16.00
N ALA A 346 9.98 13.39 16.57
CA ALA A 346 10.32 12.08 17.08
C ALA A 346 10.66 12.15 18.55
N CYS A 347 9.71 11.79 19.39
CA CYS A 347 10.01 11.52 20.78
C CYS A 347 11.29 12.24 21.15
N LEU A 352 12.00 14.73 20.75
CA LEU A 352 12.45 16.12 20.86
C LEU A 352 12.71 16.78 19.51
N GLU A 353 13.05 15.99 18.50
CA GLU A 353 13.62 16.54 17.28
C GLU A 353 12.80 16.26 16.04
N PRO A 354 13.07 17.00 14.98
CA PRO A 354 12.03 17.47 14.08
C PRO A 354 11.96 16.70 12.80
N SER A 355 10.81 16.75 12.17
CA SER A 355 10.62 15.94 10.96
C SER A 355 11.87 15.81 10.11
N TYR A 356 12.31 14.57 9.92
CA TYR A 356 13.48 14.32 9.08
C TYR A 356 13.19 14.61 7.60
N VAL A 357 11.93 14.59 7.21
CA VAL A 357 11.56 14.95 5.85
C VAL A 357 11.70 16.46 5.59
N LEU A 358 11.18 17.28 6.50
CA LEU A 358 11.27 18.73 6.35
C LEU A 358 12.71 19.20 6.43
N ARG A 359 13.51 18.52 7.24
CA ARG A 359 14.93 18.85 7.32
C ARG A 359 15.62 18.52 6.00
N ALA A 360 15.11 17.49 5.31
CA ALA A 360 15.63 17.11 4.00
C ALA A 360 15.25 18.14 2.92
N LEU A 361 14.04 18.67 3.03
CA LEU A 361 13.57 19.69 2.13
C LEU A 361 14.44 20.94 2.22
N GLY A 362 15.06 21.12 3.38
CA GLY A 362 16.02 22.18 3.55
C GLY A 362 15.71 23.16 4.65
N LEU A 363 14.53 23.08 5.24
CA LEU A 363 14.19 24.03 6.28
C LEU A 363 14.96 23.81 7.57
N ASN A 364 15.20 24.91 8.29
CA ASN A 364 15.91 24.88 9.57
C ASN A 364 15.06 24.25 10.66
N ASP A 365 15.70 23.88 11.76
CA ASP A 365 15.05 23.10 12.81
C ASP A 365 13.88 23.79 13.48
N GLU A 366 13.93 25.13 13.53
CA GLU A 366 12.90 25.89 14.22
C GLU A 366 11.63 25.94 13.37
N LEU A 367 11.82 26.15 12.08
CA LEU A 367 10.71 26.21 11.14
C LEU A 367 10.09 24.83 11.01
N ALA A 368 10.95 23.81 10.89
CA ALA A 368 10.51 22.42 10.81
C ALA A 368 9.66 22.05 12.02
N HIS A 369 10.05 22.57 13.19
CA HIS A 369 9.36 22.25 14.43
C HIS A 369 7.95 22.82 14.52
N SER A 370 7.75 23.98 13.90
CA SER A 370 6.44 24.64 13.90
C SER A 370 5.71 24.44 12.58
N SER A 371 5.75 23.21 12.08
CA SER A 371 4.99 22.84 10.90
C SER A 371 3.96 21.80 11.28
N ILE A 372 2.77 21.91 10.71
CA ILE A 372 1.68 21.00 10.99
C ILE A 372 1.28 20.28 9.70
N ARG A 373 1.07 18.99 9.78
CA ARG A 373 0.58 18.25 8.61
C ARG A 373 -0.90 17.95 8.79
N PHE A 374 -1.73 18.57 7.96
CA PHE A 374 -3.17 18.32 7.95
C PHE A 374 -3.49 17.23 6.92
N SER A 375 -4.03 16.10 7.37
CA SER A 375 -4.38 15.04 6.44
C SER A 375 -5.88 14.70 6.48
N LEU A 376 -6.52 14.81 5.32
CA LEU A 376 -7.97 14.67 5.19
C LEU A 376 -8.41 13.23 4.88
N GLY A 377 -9.72 12.98 5.06
CA GLY A 377 -10.29 11.68 4.78
C GLY A 377 -11.79 11.60 4.65
N ARG A 378 -12.31 10.38 4.77
CA ARG A 378 -13.71 10.04 4.52
C ARG A 378 -14.70 10.82 5.38
N PHE A 379 -14.37 11.05 6.65
CA PHE A 379 -15.30 11.70 7.59
C PHE A 379 -15.08 13.21 7.73
N THR A 380 -14.24 13.80 6.88
CA THR A 380 -13.93 15.22 6.98
C THR A 380 -14.94 16.10 6.21
N THR A 381 -15.44 17.15 6.86
CA THR A 381 -16.48 18.01 6.28
C THR A 381 -15.98 19.41 5.94
N GLU A 382 -16.88 20.26 5.45
CA GLU A 382 -16.55 21.66 5.23
C GLU A 382 -16.61 22.42 6.54
N GLU A 383 -17.55 22.02 7.40
CA GLU A 383 -17.67 22.60 8.72
C GLU A 383 -16.36 22.46 9.49
N GLU A 384 -15.74 21.29 9.37
CA GLU A 384 -14.51 21.00 10.09
C GLU A 384 -13.35 21.81 9.50
N ILE A 385 -13.33 21.93 8.17
CA ILE A 385 -12.30 22.68 7.48
C ILE A 385 -12.37 24.17 7.85
N ASP A 386 -13.57 24.72 7.82
CA ASP A 386 -13.79 26.13 8.14
C ASP A 386 -13.44 26.42 9.59
N TYR A 387 -13.87 25.54 10.49
CA TYR A 387 -13.52 25.67 11.90
C TYR A 387 -12.00 25.68 12.03
N THR A 388 -11.37 24.81 11.25
CA THR A 388 -9.92 24.70 11.22
C THR A 388 -9.28 26.00 10.76
N ILE A 389 -9.76 26.52 9.63
CA ILE A 389 -9.28 27.78 9.10
C ILE A 389 -9.30 28.84 10.18
N GLU A 390 -10.45 29.04 10.80
CA GLU A 390 -10.59 30.03 11.87
C GLU A 390 -9.58 29.79 12.99
N LEU A 391 -9.54 28.57 13.51
CA LEU A 391 -8.70 28.28 14.67
C LEU A 391 -7.25 28.65 14.39
N VAL A 392 -6.78 28.34 13.18
CA VAL A 392 -5.39 28.63 12.80
C VAL A 392 -5.07 30.14 12.79
N ARG A 393 -5.96 30.95 12.24
CA ARG A 393 -5.74 32.39 12.27
C ARG A 393 -5.62 32.89 13.72
N LYS A 394 -6.65 32.62 14.53
CA LYS A 394 -6.70 33.10 15.90
C LYS A 394 -5.55 32.54 16.75
N SER A 395 -5.08 31.35 16.40
CA SER A 395 -4.02 30.71 17.17
C SER A 395 -2.65 31.28 16.84
N ILE A 396 -2.32 31.31 15.55
CA ILE A 396 -1.06 31.86 15.09
C ILE A 396 -1.00 33.34 15.42
N GLY A 397 -2.18 33.93 15.57
CA GLY A 397 -2.29 35.32 15.97
C GLY A 397 -1.89 35.51 17.42
N ARG A 398 -2.43 34.70 18.31
CA ARG A 398 -2.11 34.83 19.74
C ARG A 398 -0.66 34.50 20.05
N LEU A 399 -0.16 33.41 19.48
CA LEU A 399 1.24 33.02 19.70
C LEU A 399 2.18 34.15 19.29
N ARG A 400 1.89 34.80 18.17
CA ARG A 400 2.78 35.81 17.65
C ARG A 400 2.73 37.05 18.53
N ASP A 401 1.55 37.33 19.08
CA ASP A 401 1.37 38.41 20.04
C ASP A 401 2.40 38.29 21.16
N LEU A 402 2.61 37.06 21.62
CA LEU A 402 3.44 36.80 22.78
C LEU A 402 4.83 36.27 22.39
N SER A 403 5.16 36.38 21.11
CA SER A 403 6.40 35.84 20.62
C SER A 403 7.48 36.89 20.51
N PRO A 404 8.56 36.71 21.28
CA PRO A 404 9.79 37.49 21.14
C PRO A 404 10.36 37.35 19.73
N LEU A 405 9.93 36.31 19.02
CA LEU A 405 10.45 36.04 17.69
C LEU A 405 9.73 36.89 16.65
N TRP A 406 8.41 36.96 16.78
CA TRP A 406 7.61 37.80 15.89
C TRP A 406 7.97 39.30 16.05
N GLU A 407 8.04 39.77 17.29
CA GLU A 407 8.41 41.16 17.55
C GLU A 407 9.72 41.50 16.87
N MET A 408 10.65 40.56 16.86
CA MET A 408 11.89 40.69 16.11
C MET A 408 11.60 40.94 14.63
N TYR A 409 10.84 40.03 14.02
CA TYR A 409 10.47 40.12 12.60
C TYR A 409 9.70 41.40 12.29
N LYS A 410 8.85 41.82 13.21
CA LYS A 410 8.17 43.10 13.09
C LYS A 410 9.16 44.24 13.29
N GLN A 411 10.40 43.88 13.62
CA GLN A 411 11.48 44.84 13.82
C GLN A 411 11.06 46.03 14.69
N LEU B 5 -18.78 -35.77 -22.69
CA LEU B 5 -17.47 -35.82 -23.33
C LEU B 5 -16.64 -34.59 -22.99
N PHE B 6 -15.54 -34.41 -23.72
CA PHE B 6 -14.70 -33.22 -23.62
C PHE B 6 -14.79 -32.42 -24.92
N SER B 7 -16.01 -32.11 -25.34
CA SER B 7 -16.24 -31.47 -26.62
C SER B 7 -16.89 -30.10 -26.50
N SER B 8 -18.00 -30.02 -25.76
CA SER B 8 -18.74 -28.77 -25.67
C SER B 8 -18.66 -28.08 -24.31
N PRO B 9 -17.44 -27.78 -23.85
CA PRO B 9 -17.35 -26.93 -22.66
C PRO B 9 -17.62 -25.50 -23.07
N ASP B 10 -18.41 -24.77 -22.30
CA ASP B 10 -18.63 -23.36 -22.62
C ASP B 10 -17.43 -22.53 -22.17
N HIS B 11 -16.78 -22.96 -21.09
CA HIS B 11 -15.57 -22.28 -20.61
C HIS B 11 -14.34 -23.17 -20.66
N THR B 12 -13.21 -22.58 -21.04
CA THR B 12 -11.95 -23.30 -21.13
C THR B 12 -10.87 -22.61 -20.29
N LEU B 13 -10.52 -23.22 -19.16
CA LEU B 13 -9.43 -22.73 -18.34
C LEU B 13 -8.13 -23.46 -18.63
N ASP B 14 -7.20 -22.79 -19.31
CA ASP B 14 -5.86 -23.35 -19.47
C ASP B 14 -5.01 -23.03 -18.24
N ALA B 15 -4.51 -24.07 -17.59
CA ALA B 15 -3.67 -23.90 -16.41
C ALA B 15 -2.35 -24.65 -16.57
N LEU B 16 -1.94 -24.86 -17.82
CA LEU B 16 -0.70 -25.55 -18.10
C LEU B 16 0.49 -24.76 -17.60
N GLY B 17 1.46 -25.45 -17.02
CA GLY B 17 2.66 -24.79 -16.50
C GLY B 17 2.44 -24.14 -15.14
N LEU B 18 1.19 -24.06 -14.71
CA LEU B 18 0.87 -23.60 -13.36
C LEU B 18 1.08 -24.71 -12.32
N ARG B 19 1.62 -24.34 -11.16
CA ARG B 19 1.81 -25.28 -10.06
C ARG B 19 1.10 -24.84 -8.77
N CYS B 20 0.52 -25.82 -8.08
CA CYS B 20 -0.10 -25.62 -6.77
C CYS B 20 0.67 -24.58 -6.00
N PRO B 21 -0.02 -23.59 -5.41
CA PRO B 21 -1.48 -23.46 -5.27
C PRO B 21 -2.15 -22.69 -6.42
N GLU B 22 -1.42 -22.40 -7.48
CA GLU B 22 -1.94 -21.55 -8.55
C GLU B 22 -3.20 -22.06 -9.27
N PRO B 23 -3.26 -23.38 -9.57
CA PRO B 23 -4.43 -23.95 -10.23
C PRO B 23 -5.74 -23.74 -9.47
N VAL B 24 -5.78 -24.13 -8.19
CA VAL B 24 -6.97 -23.92 -7.36
C VAL B 24 -7.36 -22.43 -7.28
N MET B 25 -6.37 -21.56 -7.35
CA MET B 25 -6.63 -20.12 -7.35
C MET B 25 -7.34 -19.69 -8.61
N MET B 26 -6.79 -20.09 -9.76
CA MET B 26 -7.39 -19.77 -11.05
C MET B 26 -8.78 -20.34 -11.19
N VAL B 27 -8.94 -21.61 -10.81
CA VAL B 27 -10.23 -22.28 -10.86
C VAL B 27 -11.23 -21.57 -9.95
N ARG B 28 -10.76 -21.24 -8.75
CA ARG B 28 -11.59 -20.54 -7.78
C ARG B 28 -12.22 -19.30 -8.40
N LYS B 29 -11.39 -18.50 -9.06
CA LYS B 29 -11.84 -17.24 -9.64
C LYS B 29 -12.82 -17.47 -10.79
N THR B 30 -12.58 -18.53 -11.57
CA THR B 30 -13.40 -18.77 -12.74
C THR B 30 -14.83 -19.12 -12.37
N VAL B 31 -14.99 -19.94 -11.34
CA VAL B 31 -16.31 -20.39 -10.92
C VAL B 31 -17.16 -19.21 -10.43
N ARG B 32 -16.50 -18.16 -9.94
CA ARG B 32 -17.20 -16.96 -9.50
C ARG B 32 -17.81 -16.19 -10.67
N ASN B 33 -17.02 -16.02 -11.73
CA ASN B 33 -17.48 -15.31 -12.91
C ASN B 33 -18.29 -16.26 -13.80
N MET B 34 -18.75 -17.34 -13.18
CA MET B 34 -19.54 -18.36 -13.86
C MET B 34 -20.95 -18.42 -13.32
N GLN B 35 -21.88 -18.81 -14.19
CA GLN B 35 -23.27 -18.99 -13.80
C GLN B 35 -23.52 -20.43 -13.35
N PRO B 36 -24.28 -20.61 -12.25
CA PRO B 36 -24.55 -21.91 -11.63
C PRO B 36 -25.07 -22.95 -12.62
N GLY B 37 -24.24 -23.93 -12.99
CA GLY B 37 -24.64 -24.98 -13.91
C GLY B 37 -23.86 -24.94 -15.21
N GLU B 38 -22.68 -24.34 -15.18
CA GLU B 38 -21.88 -24.14 -16.36
C GLU B 38 -20.67 -25.08 -16.42
N THR B 39 -20.21 -25.33 -17.65
CA THR B 39 -19.09 -26.23 -17.87
C THR B 39 -17.74 -25.49 -17.84
N LEU B 40 -16.70 -26.20 -17.44
CA LEU B 40 -15.36 -25.62 -17.37
C LEU B 40 -14.29 -26.68 -17.62
N LEU B 41 -13.65 -26.63 -18.78
CA LEU B 41 -12.55 -27.54 -19.08
C LEU B 41 -11.25 -27.00 -18.50
N ILE B 42 -10.69 -27.73 -17.54
CA ILE B 42 -9.42 -27.35 -16.96
C ILE B 42 -8.28 -28.17 -17.57
N ILE B 43 -7.32 -27.48 -18.18
CA ILE B 43 -6.12 -28.12 -18.70
C ILE B 43 -4.95 -27.85 -17.77
N ALA B 44 -4.50 -28.88 -17.05
CA ALA B 44 -3.39 -28.70 -16.13
C ALA B 44 -2.32 -29.77 -16.35
N ASP B 45 -1.11 -29.46 -15.92
CA ASP B 45 -0.03 -30.43 -15.89
C ASP B 45 0.59 -30.50 -14.50
N ASP B 46 -0.09 -29.86 -13.54
CA ASP B 46 0.29 -29.94 -12.12
C ASP B 46 -0.28 -31.22 -11.49
N PRO B 47 0.59 -32.15 -11.09
CA PRO B 47 0.12 -33.48 -10.62
C PRO B 47 -0.77 -33.34 -9.38
N ALA B 48 -0.58 -32.27 -8.63
CA ALA B 48 -1.32 -32.03 -7.39
C ALA B 48 -2.80 -31.79 -7.66
N THR B 49 -3.12 -31.50 -8.92
CA THR B 49 -4.50 -31.28 -9.34
C THR B 49 -5.31 -32.58 -9.33
N THR B 50 -4.64 -33.73 -9.28
CA THR B 50 -5.36 -35.00 -9.20
C THR B 50 -6.07 -35.11 -7.85
N ARG B 51 -5.49 -34.48 -6.84
CA ARG B 51 -6.08 -34.45 -5.50
C ARG B 51 -6.90 -33.18 -5.28
N ASP B 52 -6.38 -32.05 -5.77
CA ASP B 52 -6.92 -30.74 -5.42
C ASP B 52 -8.16 -30.28 -6.19
N ILE B 53 -8.30 -30.69 -7.44
CA ILE B 53 -9.49 -30.30 -8.20
C ILE B 53 -10.72 -31.14 -7.82
N PRO B 54 -10.51 -32.43 -7.50
CA PRO B 54 -11.64 -33.15 -6.90
C PRO B 54 -11.93 -32.62 -5.50
N GLY B 55 -10.89 -32.23 -4.77
CA GLY B 55 -11.07 -31.67 -3.43
C GLY B 55 -11.89 -30.38 -3.46
N PHE B 56 -11.65 -29.57 -4.49
CA PHE B 56 -12.42 -28.36 -4.73
C PHE B 56 -13.89 -28.70 -4.89
N CYS B 57 -14.20 -29.52 -5.88
CA CYS B 57 -15.58 -29.91 -6.14
C CYS B 57 -16.24 -30.49 -4.88
N THR B 58 -15.46 -31.21 -4.09
CA THR B 58 -16.00 -31.84 -2.89
C THR B 58 -16.28 -30.82 -1.77
N PHE B 59 -15.30 -29.97 -1.47
CA PHE B 59 -15.43 -29.04 -0.35
C PHE B 59 -16.10 -27.71 -0.68
N MET B 60 -16.14 -27.37 -1.96
CA MET B 60 -16.80 -26.14 -2.41
C MET B 60 -18.15 -26.44 -3.05
N GLU B 61 -18.53 -27.72 -3.05
CA GLU B 61 -19.83 -28.16 -3.53
C GLU B 61 -20.09 -27.84 -5.01
N HIS B 62 -19.29 -28.44 -5.89
CA HIS B 62 -19.53 -28.34 -7.32
C HIS B 62 -19.60 -29.73 -7.97
N GLU B 63 -19.94 -29.76 -9.25
CA GLU B 63 -20.13 -31.03 -9.95
C GLU B 63 -18.90 -31.47 -10.75
N LEU B 64 -18.14 -32.38 -10.18
CA LEU B 64 -17.04 -33.04 -10.89
C LEU B 64 -17.61 -33.98 -11.95
N VAL B 65 -17.52 -33.56 -13.22
CA VAL B 65 -18.16 -34.25 -14.34
C VAL B 65 -17.35 -35.44 -14.86
N ALA B 66 -16.32 -35.14 -15.66
CA ALA B 66 -15.44 -36.15 -16.20
C ALA B 66 -13.99 -35.81 -15.89
N LYS B 67 -13.17 -36.83 -15.70
CA LYS B 67 -11.80 -36.64 -15.23
C LYS B 67 -10.79 -37.24 -16.21
N GLU B 68 -9.53 -36.88 -16.01
CA GLU B 68 -8.43 -37.47 -16.74
C GLU B 68 -7.18 -37.32 -15.90
N THR B 69 -6.45 -38.42 -15.75
CA THR B 69 -5.35 -38.45 -14.79
C THR B 69 -4.23 -39.37 -15.28
N ASP B 70 -4.54 -40.15 -16.31
CA ASP B 70 -3.68 -41.25 -16.74
C ASP B 70 -2.62 -40.84 -17.76
N GLY B 71 -2.51 -39.54 -17.98
CA GLY B 71 -1.62 -38.99 -18.98
C GLY B 71 -1.77 -37.49 -19.00
N LEU B 72 -0.68 -36.79 -19.31
CA LEU B 72 -0.66 -35.32 -19.42
C LEU B 72 -0.93 -34.87 -20.85
N PRO B 73 -1.61 -33.72 -21.00
CA PRO B 73 -2.15 -32.95 -19.89
C PRO B 73 -3.37 -33.62 -19.26
N TYR B 74 -3.57 -33.43 -17.97
CA TYR B 74 -4.79 -33.88 -17.32
C TYR B 74 -5.94 -33.01 -17.79
N ARG B 75 -7.13 -33.57 -17.91
CA ARG B 75 -8.32 -32.76 -18.18
C ARG B 75 -9.37 -32.97 -17.10
N TYR B 76 -10.02 -31.87 -16.69
CA TYR B 76 -11.03 -31.90 -15.65
C TYR B 76 -12.22 -31.07 -16.12
N LEU B 77 -13.35 -31.72 -16.40
CA LEU B 77 -14.56 -30.99 -16.73
C LEU B 77 -15.43 -30.80 -15.47
N ILE B 78 -15.79 -29.54 -15.20
CA ILE B 78 -16.48 -29.20 -13.96
C ILE B 78 -17.75 -28.38 -14.25
N ARG B 79 -18.76 -28.52 -13.39
CA ARG B 79 -20.01 -27.76 -13.52
C ARG B 79 -20.48 -27.17 -12.19
N LYS B 80 -20.91 -25.91 -12.21
CA LYS B 80 -21.30 -25.21 -10.99
C LYS B 80 -22.66 -25.68 -10.45
#